data_3AA1
#
_entry.id   3AA1
#
_cell.length_a   57.315
_cell.length_b   66.298
_cell.length_c   136.666
_cell.angle_alpha   90.00
_cell.angle_beta   90.00
_cell.angle_gamma   90.00
#
_symmetry.space_group_name_H-M   'P 21 21 21'
#
loop_
_entity.id
_entity.type
_entity.pdbx_description
1 polymer 'F-actin-capping protein subunit alpha-1'
2 polymer 'F-actin-capping protein subunit beta isoforms 1 and 2'
3 polymer '23mer peptide from Pleckstrin homology domain-containing family O member 1'
4 non-polymer '2-(N-MORPHOLINO)-ETHANESULFONIC ACID'
5 water water
#
loop_
_entity_poly.entity_id
_entity_poly.type
_entity_poly.pdbx_seq_one_letter_code
_entity_poly.pdbx_strand_id
1 'polypeptide(L)'
;MADFEDRVSDEEKVRIAAKFITHAPPGEFNEVFNDVRLLLNNDNLLREGAAHAFAQYNMDQFTPVKIEGYDDQVLITEHG
DLGNGRFLDPRNKISFKFDHLRKEASDPQPEDTESALKQWRDACDSALRAYVKDHYPNGFCTVYGKSIDGQQTIIACIES
HQFQPKNFWNGRWRSEWKFTITPPTAQVAAVLKIQVHYYEDGNVQLVSHKDIQDSVQVSSDVQTAKEFIKIIENAENEYQ
TAISENYQTMSDTTFKALRRQLPVTRTKIDWNKILSYKIGKEMQNA
;
A
2 'polypeptide(L)'
;MSDQQLDCALDLMRRLPPQQIEKNLSDLIDLVPSLCEDLLSSVDQPLKIARDKVVGKDYLLCDYNRDGDSYRSPWSNKYD
PPLEDGAMPSARLRKLEVEANNAFDQYRDLYFEGGVSSVYLWDLDHGFAGVILIKKAGDGSKKIKGCWDSIHVVEVQEKS
SGRTAHYKLTSTVMLWLQTNKTGSGTMNLGGSLTRQMEKDETVSDSSPHIANIGRLVEDMENKIRSTLNEIYFGKTKDIV
NGLR
;
B
3 'polypeptide(L)' SYLAHPTRDRAKIQHSRRPPTRG C
#
loop_
_chem_comp.id
_chem_comp.type
_chem_comp.name
_chem_comp.formula
MES non-polymer '2-(N-MORPHOLINO)-ETHANESULFONIC ACID' 'C6 H13 N O4 S'
#
# COMPACT_ATOMS: atom_id res chain seq x y z
N ARG A 7 -24.92 11.42 -10.35
CA ARG A 7 -23.51 11.94 -10.39
C ARG A 7 -22.91 12.11 -8.99
N VAL A 8 -21.58 12.07 -8.97
CA VAL A 8 -20.80 12.41 -7.78
C VAL A 8 -20.86 13.92 -7.49
N SER A 9 -21.55 14.30 -6.40
CA SER A 9 -21.63 15.72 -6.02
C SER A 9 -20.25 16.28 -5.65
N ASP A 10 -20.11 17.59 -5.69
CA ASP A 10 -18.89 18.25 -5.23
CA ASP A 10 -18.88 18.24 -5.25
C ASP A 10 -18.65 17.91 -3.76
N GLU A 11 -19.72 17.79 -2.99
CA GLU A 11 -19.53 17.46 -1.57
C GLU A 11 -18.87 16.09 -1.34
N GLU A 12 -19.21 15.10 -2.16
CA GLU A 12 -18.56 13.79 -2.04
C GLU A 12 -17.12 13.97 -2.54
N LYS A 13 -16.95 14.81 -3.57
CA LYS A 13 -15.64 15.06 -4.14
C LYS A 13 -14.67 15.63 -3.13
N VAL A 14 -15.11 16.65 -2.40
CA VAL A 14 -14.22 17.32 -1.45
C VAL A 14 -13.92 16.34 -0.36
N ARG A 15 -14.92 15.55 0.02
CA ARG A 15 -14.71 14.48 0.98
C ARG A 15 -13.55 13.58 0.52
N ILE A 16 -13.47 13.33 -0.80
CA ILE A 16 -12.44 12.43 -1.38
C ILE A 16 -11.04 13.04 -1.44
N ALA A 17 -10.93 14.28 -1.92
CA ALA A 17 -9.68 14.98 -1.96
C ALA A 17 -9.07 15.10 -0.57
N ALA A 18 -9.92 15.41 0.41
CA ALA A 18 -9.54 15.51 1.82
C ALA A 18 -9.17 14.13 2.32
N LYS A 19 -9.95 13.09 1.98
CA LYS A 19 -9.58 11.75 2.40
C LYS A 19 -8.19 11.37 1.83
N PHE A 20 -7.98 11.56 0.52
CA PHE A 20 -6.71 11.23 -0.11
C PHE A 20 -5.53 11.95 0.62
N ILE A 21 -5.67 13.24 0.86
CA ILE A 21 -4.61 14.01 1.53
C ILE A 21 -4.31 13.45 2.95
N THR A 22 -5.33 13.17 3.73
CA THR A 22 -5.10 12.61 5.09
C THR A 22 -4.50 11.23 5.04
N HIS A 23 -4.65 10.55 3.89
CA HIS A 23 -4.02 9.25 3.71
C HIS A 23 -2.67 9.22 2.99
N ALA A 24 -2.03 10.36 2.81
CA ALA A 24 -0.71 10.39 2.23
C ALA A 24 0.27 9.65 3.13
N PRO A 25 1.16 8.85 2.53
CA PRO A 25 2.17 8.13 3.31
C PRO A 25 3.17 9.13 3.92
N PRO A 26 3.96 8.67 4.91
CA PRO A 26 4.94 9.59 5.53
C PRO A 26 5.95 10.13 4.54
N GLY A 27 6.16 11.45 4.61
CA GLY A 27 7.12 12.12 3.81
C GLY A 27 6.63 12.39 2.38
N GLU A 28 5.35 12.19 2.11
CA GLU A 28 4.88 12.31 0.72
C GLU A 28 3.64 13.16 0.59
N PHE A 29 3.41 14.01 1.59
CA PHE A 29 2.29 14.93 1.57
C PHE A 29 2.29 15.80 0.31
N ASN A 30 3.44 16.33 -0.08
CA ASN A 30 3.46 17.29 -1.20
C ASN A 30 3.07 16.64 -2.53
N GLU A 31 3.61 15.45 -2.79
CA GLU A 31 3.27 14.73 -4.01
C GLU A 31 1.78 14.41 -4.09
N VAL A 32 1.22 13.94 -2.99
CA VAL A 32 -0.19 13.64 -2.92
C VAL A 32 -1.06 14.91 -3.09
N PHE A 33 -0.68 15.99 -2.37
CA PHE A 33 -1.40 17.24 -2.48
C PHE A 33 -1.39 17.75 -3.93
N ASN A 34 -0.23 17.72 -4.58
CA ASN A 34 -0.18 18.22 -5.93
CA ASN A 34 -0.06 18.13 -5.99
C ASN A 34 -0.95 17.30 -6.91
N ASP A 35 -1.00 16.00 -6.67
CA ASP A 35 -1.85 15.12 -7.54
C ASP A 35 -3.33 15.51 -7.39
N VAL A 36 -3.78 15.71 -6.15
CA VAL A 36 -5.17 16.08 -5.85
C VAL A 36 -5.47 17.49 -6.36
N ARG A 37 -4.50 18.41 -6.30
CA ARG A 37 -4.66 19.78 -6.81
C ARG A 37 -5.03 19.75 -8.31
N LEU A 38 -4.22 19.02 -9.07
CA LEU A 38 -4.41 18.85 -10.51
C LEU A 38 -5.67 18.06 -10.87
N LEU A 39 -6.12 17.17 -10.00
CA LEU A 39 -7.33 16.41 -10.31
C LEU A 39 -8.63 17.21 -10.10
N LEU A 40 -8.58 18.25 -9.26
CA LEU A 40 -9.72 19.12 -9.00
C LEU A 40 -9.66 20.44 -9.79
N ASN A 41 -8.48 20.86 -10.20
CA ASN A 41 -8.38 22.05 -11.05
C ASN A 41 -9.15 23.28 -10.47
N ASN A 42 -9.22 23.37 -9.15
CA ASN A 42 -9.94 24.45 -8.47
C ASN A 42 -9.21 24.83 -7.18
N ASP A 43 -8.20 25.68 -7.32
CA ASP A 43 -7.29 25.99 -6.23
C ASP A 43 -7.94 26.54 -4.98
N ASN A 44 -8.89 27.46 -5.15
CA ASN A 44 -9.53 28.06 -3.97
C ASN A 44 -10.53 27.13 -3.24
N LEU A 45 -11.20 26.25 -3.99
CA LEU A 45 -12.05 25.26 -3.34
C LEU A 45 -11.16 24.33 -2.52
N LEU A 46 -10.04 23.90 -3.12
CA LEU A 46 -9.17 22.96 -2.45
C LEU A 46 -8.65 23.51 -1.11
N ARG A 47 -8.03 24.70 -1.12
CA ARG A 47 -7.54 25.32 0.12
C ARG A 47 -8.66 25.86 1.02
N GLU A 48 -9.90 25.75 0.56
CA GLU A 48 -11.09 25.99 1.40
C GLU A 48 -11.54 24.66 1.99
N GLY A 49 -12.14 23.82 1.15
CA GLY A 49 -12.74 22.55 1.60
C GLY A 49 -11.75 21.55 2.15
N ALA A 50 -10.46 21.79 1.95
CA ALA A 50 -9.48 20.83 2.47
C ALA A 50 -8.52 21.35 3.55
N ALA A 51 -8.76 22.54 4.10
CA ALA A 51 -7.87 23.04 5.17
C ALA A 51 -7.87 22.10 6.39
N HIS A 52 -9.03 21.54 6.70
CA HIS A 52 -9.12 20.59 7.83
C HIS A 52 -8.18 19.40 7.60
N ALA A 53 -8.17 18.88 6.37
CA ALA A 53 -7.33 17.74 5.99
C ALA A 53 -5.81 17.99 6.17
N PHE A 54 -5.33 19.18 5.79
CA PHE A 54 -3.93 19.52 6.00
C PHE A 54 -3.57 19.43 7.49
N ALA A 55 -4.39 20.08 8.33
CA ALA A 55 -4.16 20.03 9.79
C ALA A 55 -4.30 18.61 10.35
N GLN A 56 -5.34 17.91 9.93
CA GLN A 56 -5.55 16.52 10.33
CA GLN A 56 -5.53 16.54 10.38
C GLN A 56 -4.31 15.67 10.04
N TYR A 57 -3.78 15.78 8.81
CA TYR A 57 -2.60 15.00 8.38
C TYR A 57 -1.44 15.20 9.35
N ASN A 58 -1.11 16.45 9.57
CA ASN A 58 0.06 16.73 10.41
C ASN A 58 -0.15 16.32 11.89
N MET A 59 -1.35 16.51 12.42
CA MET A 59 -1.64 16.01 13.77
C MET A 59 -1.66 14.49 13.88
N ASP A 60 -2.17 13.82 12.85
CA ASP A 60 -2.22 12.35 12.87
C ASP A 60 -0.80 11.76 12.80
N GLN A 61 0.06 12.45 12.06
CA GLN A 61 1.43 11.98 11.74
C GLN A 61 2.48 12.41 12.80
N PHE A 62 2.06 13.16 13.81
CA PHE A 62 3.01 13.74 14.77
C PHE A 62 4.17 14.46 14.07
N THR A 63 3.89 15.31 13.10
CA THR A 63 4.95 16.02 12.39
C THR A 63 5.91 16.76 13.34
N PRO A 64 7.22 16.46 13.28
CA PRO A 64 8.15 17.27 14.11
C PRO A 64 8.56 18.57 13.37
N VAL A 65 8.74 19.64 14.11
CA VAL A 65 9.09 20.89 13.50
C VAL A 65 10.14 21.63 14.32
N LYS A 66 11.09 22.23 13.61
CA LYS A 66 12.14 23.06 14.22
C LYS A 66 11.70 24.52 14.30
N ILE A 67 11.82 25.11 15.49
CA ILE A 67 11.55 26.54 15.69
C ILE A 67 12.89 27.32 15.76
N GLU A 68 12.95 28.45 15.06
CA GLU A 68 14.17 29.27 15.10
C GLU A 68 14.27 29.88 16.50
N GLY A 69 15.40 29.64 17.17
CA GLY A 69 15.55 30.08 18.57
C GLY A 69 15.59 28.97 19.62
N TYR A 70 15.22 27.75 19.25
CA TYR A 70 15.09 26.67 20.23
C TYR A 70 15.66 25.36 19.71
N ASP A 71 16.54 24.76 20.51
CA ASP A 71 17.25 23.54 20.17
C ASP A 71 16.29 22.43 19.82
N ASP A 72 15.23 22.34 20.62
CA ASP A 72 14.40 21.17 20.62
C ASP A 72 13.20 21.26 19.67
N GLN A 73 13.16 20.33 18.70
CA GLN A 73 11.97 20.16 17.88
C GLN A 73 10.75 19.82 18.72
N VAL A 74 9.56 20.14 18.24
CA VAL A 74 8.31 19.77 18.93
C VAL A 74 7.38 19.05 17.93
N LEU A 75 6.45 18.25 18.45
CA LEU A 75 5.55 17.48 17.60
C LEU A 75 4.26 18.24 17.45
N ILE A 76 3.71 18.21 16.24
CA ILE A 76 2.33 18.63 15.99
C ILE A 76 1.38 17.47 16.26
N THR A 77 0.49 17.67 17.25
CA THR A 77 -0.44 16.66 17.66
C THR A 77 -1.75 17.36 18.03
N GLU A 78 -2.81 16.57 18.14
CA GLU A 78 -4.10 17.06 18.56
C GLU A 78 -4.06 17.64 19.97
N HIS A 79 -3.05 17.21 20.74
CA HIS A 79 -2.98 17.56 22.16
C HIS A 79 -2.41 18.96 22.36
N GLY A 80 -1.62 19.41 21.40
CA GLY A 80 -1.12 20.78 21.41
C GLY A 80 -1.85 21.78 20.51
N ASP A 81 -3.03 21.40 20.01
CA ASP A 81 -3.75 22.31 19.09
C ASP A 81 -4.26 23.54 19.88
N LEU A 82 -3.72 24.73 19.59
CA LEU A 82 -4.16 25.97 20.27
C LEU A 82 -5.22 26.78 19.52
N GLY A 83 -5.52 26.36 18.28
CA GLY A 83 -6.49 27.07 17.44
C GLY A 83 -5.76 27.99 16.48
N ASN A 84 -6.47 28.49 15.47
CA ASN A 84 -5.92 29.52 14.59
C ASN A 84 -4.61 29.08 13.93
N GLY A 85 -4.44 27.78 13.72
CA GLY A 85 -3.17 27.27 13.17
C GLY A 85 -1.98 27.44 14.12
N ARG A 86 -2.26 27.65 15.40
CA ARG A 86 -1.19 27.74 16.40
C ARG A 86 -1.07 26.47 17.27
N PHE A 87 0.17 26.16 17.67
CA PHE A 87 0.40 25.01 18.54
C PHE A 87 1.25 25.29 19.76
N LEU A 88 1.03 24.46 20.77
CA LEU A 88 1.80 24.47 22.01
C LEU A 88 3.11 23.68 21.96
N ASP A 89 4.19 24.36 22.34
CA ASP A 89 5.43 23.69 22.71
C ASP A 89 5.57 23.67 24.24
N PRO A 90 5.13 22.56 24.88
CA PRO A 90 5.09 22.55 26.33
C PRO A 90 6.47 22.43 26.99
N ARG A 91 7.50 21.97 26.26
CA ARG A 91 8.86 21.95 26.81
C ARG A 91 9.54 23.33 26.76
N ASN A 92 9.49 24.00 25.60
CA ASN A 92 10.11 25.32 25.43
C ASN A 92 9.24 26.46 25.91
N LYS A 93 8.03 26.10 26.35
CA LYS A 93 7.00 27.01 26.85
C LYS A 93 6.69 28.17 25.91
N ILE A 94 6.40 27.85 24.65
CA ILE A 94 5.95 28.84 23.68
C ILE A 94 4.76 28.34 22.87
N SER A 95 4.05 29.28 22.23
CA SER A 95 3.14 28.96 21.15
C SER A 95 3.82 29.35 19.87
N PHE A 96 3.44 28.71 18.77
CA PHE A 96 4.01 29.09 17.51
C PHE A 96 2.96 28.87 16.45
N LYS A 97 3.20 29.46 15.29
CA LYS A 97 2.29 29.33 14.18
C LYS A 97 2.83 28.19 13.36
N PHE A 98 1.95 27.29 12.95
CA PHE A 98 2.38 26.22 12.07
C PHE A 98 1.68 26.30 10.71
N ASP A 99 2.47 26.35 9.65
CA ASP A 99 1.94 26.36 8.30
C ASP A 99 1.87 24.90 7.82
N HIS A 100 0.67 24.35 7.85
CA HIS A 100 0.45 22.93 7.59
C HIS A 100 0.87 22.51 6.17
N LEU A 101 0.77 23.43 5.21
CA LEU A 101 1.23 23.17 3.84
C LEU A 101 2.74 23.15 3.73
N ARG A 102 3.41 24.17 4.27
CA ARG A 102 4.84 24.29 4.08
C ARG A 102 5.62 23.53 5.15
N LYS A 103 4.92 23.06 6.19
CA LYS A 103 5.53 22.40 7.38
C LYS A 103 6.56 23.33 8.05
N GLU A 104 6.16 24.58 8.21
CA GLU A 104 7.05 25.61 8.69
C GLU A 104 6.53 26.26 9.96
N ALA A 105 7.42 26.38 10.95
CA ALA A 105 7.08 27.07 12.19
C ALA A 105 7.57 28.49 12.08
N SER A 106 6.74 29.41 12.53
CA SER A 106 7.08 30.85 12.54
C SER A 106 6.48 31.46 13.81
N ASP A 107 6.88 32.69 14.13
CA ASP A 107 6.19 33.48 15.17
C ASP A 107 6.13 32.87 16.57
N PRO A 108 7.28 32.47 17.13
CA PRO A 108 7.24 31.92 18.49
C PRO A 108 6.89 33.03 19.46
N GLN A 109 6.02 32.74 20.41
CA GLN A 109 5.63 33.70 21.41
C GLN A 109 5.59 32.96 22.73
N PRO A 110 6.05 33.59 23.82
CA PRO A 110 6.04 32.92 25.11
C PRO A 110 4.62 32.51 25.45
N GLU A 111 4.45 31.38 26.13
CA GLU A 111 3.12 30.90 26.48
C GLU A 111 3.18 30.39 27.91
N ASP A 112 2.11 30.69 28.65
CA ASP A 112 2.01 30.30 30.06
C ASP A 112 1.65 28.83 30.15
N THR A 113 2.56 28.03 30.71
CA THR A 113 2.31 26.59 30.90
C THR A 113 2.29 26.18 32.39
N GLU A 114 2.46 27.15 33.29
CA GLU A 114 2.46 26.86 34.72
C GLU A 114 1.13 26.23 35.13
N SER A 115 1.20 25.24 36.02
CA SER A 115 0.03 24.57 36.58
C SER A 115 0.50 23.55 37.64
N ALA A 116 -0.48 23.01 38.36
CA ALA A 116 -0.28 22.04 39.43
C ALA A 116 0.35 20.76 38.90
N LEU A 117 0.10 20.51 37.62
CA LEU A 117 0.56 19.30 36.98
C LEU A 117 1.88 19.50 36.24
N LYS A 118 2.34 20.75 36.10
CA LYS A 118 3.58 21.02 35.36
C LYS A 118 4.75 20.18 35.87
N GLN A 119 4.83 19.99 37.18
CA GLN A 119 5.96 19.25 37.75
C GLN A 119 5.94 17.76 37.40
N TRP A 120 4.75 17.14 37.37
CA TRP A 120 4.64 15.75 36.92
C TRP A 120 4.95 15.64 35.40
N ARG A 121 4.41 16.59 34.62
CA ARG A 121 4.75 16.69 33.18
C ARG A 121 6.25 16.87 32.95
N ASP A 122 6.88 17.76 33.70
CA ASP A 122 8.32 17.97 33.56
C ASP A 122 9.15 16.72 33.88
N ALA A 123 8.76 16.02 34.93
CA ALA A 123 9.45 14.77 35.35
C ALA A 123 9.31 13.71 34.25
N CYS A 124 8.11 13.55 33.72
CA CYS A 124 7.87 12.57 32.65
C CYS A 124 8.58 12.99 31.38
N ASP A 125 8.59 14.30 31.09
CA ASP A 125 9.26 14.80 29.90
C ASP A 125 10.76 14.53 30.01
N SER A 126 11.35 14.76 31.19
CA SER A 126 12.80 14.53 31.33
C SER A 126 13.19 13.04 31.13
N ALA A 127 12.47 12.16 31.80
CA ALA A 127 12.76 10.72 31.66
C ALA A 127 12.53 10.31 30.20
N LEU A 128 11.43 10.80 29.63
CA LEU A 128 11.02 10.35 28.30
C LEU A 128 12.03 10.77 27.28
N ARG A 129 12.51 12.00 27.42
CA ARG A 129 13.44 12.57 26.45
C ARG A 129 14.68 11.75 26.39
N ALA A 130 15.20 11.37 27.58
CA ALA A 130 16.38 10.50 27.66
C ALA A 130 16.07 9.13 27.05
N TYR A 131 14.88 8.60 27.35
CA TYR A 131 14.44 7.31 26.79
C TYR A 131 14.46 7.38 25.23
N VAL A 132 13.94 8.48 24.69
CA VAL A 132 13.80 8.60 23.25
C VAL A 132 15.13 8.77 22.56
N LYS A 133 16.00 9.63 23.08
CA LYS A 133 17.34 9.79 22.53
C LYS A 133 18.17 8.50 22.52
N ASP A 134 18.02 7.70 23.59
CA ASP A 134 18.71 6.42 23.66
C ASP A 134 18.14 5.36 22.70
N HIS A 135 16.84 5.38 22.45
CA HIS A 135 16.18 4.28 21.69
C HIS A 135 15.87 4.51 20.20
N TYR A 136 15.94 5.76 19.73
CA TYR A 136 15.57 6.11 18.34
C TYR A 136 16.73 6.88 17.71
N PRO A 137 17.04 6.65 16.42
CA PRO A 137 18.17 7.38 15.80
C PRO A 137 17.93 8.90 15.76
N ASN A 138 16.77 9.31 15.29
CA ASN A 138 16.44 10.73 15.38
C ASN A 138 15.01 10.96 15.80
N GLY A 139 14.68 10.46 17.00
CA GLY A 139 13.32 10.56 17.45
C GLY A 139 13.07 11.86 18.17
N PHE A 140 11.81 12.23 18.29
CA PHE A 140 11.41 13.43 19.03
C PHE A 140 10.22 13.08 19.87
N CYS A 141 10.03 13.77 21.00
CA CYS A 141 8.87 13.52 21.81
C CYS A 141 8.31 14.79 22.43
N THR A 142 7.01 14.77 22.71
CA THR A 142 6.37 15.89 23.33
C THR A 142 5.47 15.29 24.39
N VAL A 143 5.55 15.85 25.59
CA VAL A 143 4.75 15.37 26.69
C VAL A 143 3.81 16.49 27.18
N TYR A 144 2.52 16.17 27.22
CA TYR A 144 1.51 17.15 27.59
C TYR A 144 0.90 16.77 28.94
N GLY A 145 0.52 17.79 29.71
CA GLY A 145 -0.25 17.54 30.94
C GLY A 145 -1.61 18.20 30.92
N LYS A 146 -2.66 17.40 30.99
CA LYS A 146 -3.99 17.90 30.83
C LYS A 146 -4.88 17.42 31.95
N SER A 147 -5.66 18.34 32.51
CA SER A 147 -6.79 17.92 33.34
C SER A 147 -7.98 17.65 32.43
N ILE A 148 -8.28 16.37 32.24
CA ILE A 148 -9.24 15.91 31.22
C ILE A 148 -10.68 15.66 31.76
N ASP A 149 -10.85 14.74 32.71
CA ASP A 149 -12.18 14.49 33.31
C ASP A 149 -12.21 14.95 34.76
N GLY A 150 -11.66 16.14 35.00
CA GLY A 150 -11.12 16.46 36.33
C GLY A 150 -9.91 15.55 36.59
N GLN A 151 -9.77 14.53 35.72
CA GLN A 151 -8.68 13.55 35.78
C GLN A 151 -7.37 14.04 35.16
N GLN A 152 -6.37 14.13 36.03
CA GLN A 152 -5.02 14.51 35.65
C GLN A 152 -4.46 13.45 34.71
N THR A 153 -4.04 13.89 33.52
CA THR A 153 -3.54 12.97 32.50
C THR A 153 -2.23 13.46 31.87
N ILE A 154 -1.24 12.58 31.86
CA ILE A 154 0.01 12.80 31.17
C ILE A 154 -0.10 12.05 29.82
N ILE A 155 0.20 12.77 28.72
CA ILE A 155 0.21 12.19 27.34
C ILE A 155 1.56 12.37 26.69
N ALA A 156 2.26 11.25 26.45
CA ALA A 156 3.58 11.24 25.88
C ALA A 156 3.46 10.76 24.42
N CYS A 157 3.99 11.56 23.51
CA CYS A 157 3.92 11.27 22.05
C CYS A 157 5.33 11.15 21.57
N ILE A 158 5.62 10.08 20.82
CA ILE A 158 6.95 9.85 20.31
C ILE A 158 6.87 9.71 18.77
N GLU A 159 7.80 10.32 18.05
CA GLU A 159 7.85 10.17 16.58
C GLU A 159 9.27 9.94 16.17
N SER A 160 9.44 9.11 15.13
CA SER A 160 10.70 8.90 14.53
C SER A 160 10.45 8.53 13.07
N HIS A 161 11.09 9.23 12.16
CA HIS A 161 10.91 8.94 10.74
C HIS A 161 12.22 8.90 10.02
N GLN A 162 12.20 8.29 8.83
CA GLN A 162 13.36 8.28 7.99
C GLN A 162 12.80 8.44 6.56
N PHE A 163 13.12 9.54 5.88
CA PHE A 163 12.61 9.82 4.52
C PHE A 163 13.73 9.72 3.53
N GLN A 164 13.62 8.78 2.57
CA GLN A 164 14.62 8.61 1.52
C GLN A 164 13.95 8.57 0.11
N PRO A 165 13.24 9.65 -0.25
CA PRO A 165 12.51 9.66 -1.53
C PRO A 165 13.39 9.32 -2.72
N LYS A 166 14.68 9.62 -2.62
CA LYS A 166 15.56 9.35 -3.76
C LYS A 166 15.86 7.88 -3.92
N ASN A 167 15.68 7.11 -2.84
CA ASN A 167 15.71 5.65 -2.91
C ASN A 167 14.29 5.03 -2.84
N PHE A 168 13.29 5.84 -3.11
CA PHE A 168 11.89 5.42 -3.25
C PHE A 168 11.31 4.75 -1.97
N TRP A 169 11.57 5.32 -0.80
CA TRP A 169 10.99 4.81 0.43
C TRP A 169 11.00 5.83 1.56
N ASN A 170 10.03 5.69 2.47
CA ASN A 170 9.91 6.59 3.62
C ASN A 170 9.31 5.69 4.70
N GLY A 171 9.59 6.03 5.95
CA GLY A 171 9.06 5.22 7.08
C GLY A 171 8.88 6.10 8.29
N ARG A 172 7.92 5.78 9.15
CA ARG A 172 7.63 6.54 10.37
C ARG A 172 7.08 5.64 11.47
N TRP A 173 7.63 5.84 12.67
CA TRP A 173 7.15 5.22 13.88
C TRP A 173 6.46 6.34 14.69
N ARG A 174 5.29 6.06 15.26
CA ARG A 174 4.59 6.97 16.21
C ARG A 174 4.17 6.12 17.41
N SER A 175 4.39 6.64 18.61
CA SER A 175 3.70 6.04 19.71
C SER A 175 3.03 7.09 20.59
N GLU A 176 1.94 6.70 21.22
CA GLU A 176 1.15 7.59 22.05
C GLU A 176 0.75 6.86 23.34
N TRP A 177 1.15 7.47 24.46
CA TRP A 177 1.06 6.84 25.79
C TRP A 177 0.27 7.77 26.74
N LYS A 178 -0.85 7.28 27.27
CA LYS A 178 -1.71 8.04 28.16
C LYS A 178 -1.65 7.42 29.56
N PHE A 179 -1.32 8.22 30.57
CA PHE A 179 -1.27 7.77 31.96
C PHE A 179 -2.22 8.66 32.71
N THR A 180 -3.33 8.10 33.17
CA THR A 180 -4.33 8.89 33.92
C THR A 180 -3.98 8.77 35.40
N ILE A 181 -3.54 9.89 35.98
CA ILE A 181 -2.89 9.92 37.29
C ILE A 181 -3.94 9.91 38.42
N THR A 182 -4.56 8.76 38.62
CA THR A 182 -5.56 8.61 39.66
C THR A 182 -4.93 7.86 40.86
N PRO A 183 -4.28 8.58 41.79
CA PRO A 183 -3.74 7.89 42.97
C PRO A 183 -4.75 6.90 43.58
N PRO A 184 -4.29 5.69 43.97
CA PRO A 184 -2.92 5.19 43.97
C PRO A 184 -2.49 4.38 42.73
N THR A 185 -3.43 3.99 41.86
CA THR A 185 -3.11 3.15 40.69
CA THR A 185 -3.10 3.15 40.68
C THR A 185 -3.48 3.84 39.37
N ALA A 186 -2.44 4.27 38.62
CA ALA A 186 -2.61 4.96 37.35
C ALA A 186 -2.75 3.98 36.19
N GLN A 187 -3.74 4.22 35.34
CA GLN A 187 -4.03 3.33 34.23
C GLN A 187 -3.25 3.82 33.03
N VAL A 188 -2.72 2.88 32.26
CA VAL A 188 -1.83 3.20 31.15
C VAL A 188 -2.40 2.60 29.90
N ALA A 189 -2.50 3.43 28.86
CA ALA A 189 -3.03 3.02 27.56
C ALA A 189 -2.13 3.56 26.47
N ALA A 190 -1.77 2.69 25.52
CA ALA A 190 -0.91 3.14 24.46
C ALA A 190 -1.35 2.60 23.11
N VAL A 191 -0.89 3.30 22.08
CA VAL A 191 -0.90 2.74 20.72
C VAL A 191 0.43 3.01 20.01
N LEU A 192 1.03 1.95 19.51
CA LEU A 192 2.28 2.01 18.77
C LEU A 192 1.90 1.77 17.30
N LYS A 193 2.47 2.58 16.42
CA LYS A 193 2.11 2.48 15.00
C LYS A 193 3.34 2.58 14.15
N ILE A 194 3.34 1.82 13.06
CA ILE A 194 4.41 1.93 12.13
C ILE A 194 3.82 1.97 10.72
N GLN A 195 4.45 2.76 9.85
CA GLN A 195 4.10 2.76 8.42
C GLN A 195 5.36 2.89 7.62
N VAL A 196 5.53 1.98 6.64
CA VAL A 196 6.65 2.02 5.74
C VAL A 196 6.13 1.92 4.31
N HIS A 197 6.72 2.69 3.40
CA HIS A 197 6.24 2.73 2.00
C HIS A 197 7.49 2.59 1.12
N TYR A 198 7.46 1.61 0.23
CA TYR A 198 8.50 1.44 -0.74
C TYR A 198 7.80 1.52 -2.11
N TYR A 199 8.37 2.28 -3.06
CA TYR A 199 7.64 2.57 -4.29
C TYR A 199 8.50 2.63 -5.54
N GLU A 200 9.63 1.94 -5.53
CA GLU A 200 10.37 1.77 -6.77
C GLU A 200 9.66 0.66 -7.56
N ASP A 201 9.10 1.02 -8.69
CA ASP A 201 8.45 0.06 -9.62
C ASP A 201 7.22 -0.55 -9.02
N GLY A 202 6.62 0.14 -8.08
CA GLY A 202 5.43 -0.43 -7.41
C GLY A 202 5.01 0.34 -6.20
N ASN A 203 4.27 -0.33 -5.33
CA ASN A 203 3.73 0.31 -4.10
C ASN A 203 3.45 -0.79 -3.07
N VAL A 204 4.37 -0.87 -2.13
CA VAL A 204 4.39 -1.81 -1.06
C VAL A 204 4.40 -0.99 0.23
N GLN A 205 3.48 -1.32 1.13
CA GLN A 205 3.40 -0.68 2.45
C GLN A 205 3.27 -1.70 3.56
N LEU A 206 3.97 -1.43 4.65
CA LEU A 206 3.65 -2.06 5.90
C LEU A 206 2.84 -1.06 6.72
N VAL A 207 1.76 -1.56 7.28
CA VAL A 207 0.99 -0.79 8.22
C VAL A 207 0.85 -1.71 9.43
N SER A 208 1.27 -1.21 10.61
CA SER A 208 1.24 -2.02 11.82
C SER A 208 0.78 -1.17 13.00
N HIS A 209 0.01 -1.76 13.91
CA HIS A 209 -0.26 -1.09 15.20
C HIS A 209 -0.38 -2.09 16.34
N LYS A 210 -0.05 -1.65 17.55
CA LYS A 210 -0.27 -2.50 18.71
C LYS A 210 -0.87 -1.68 19.85
N ASP A 211 -1.85 -2.25 20.55
CA ASP A 211 -2.44 -1.56 21.73
C ASP A 211 -1.84 -2.13 22.97
N ILE A 212 -1.63 -1.24 23.95
CA ILE A 212 -1.08 -1.58 25.23
C ILE A 212 -2.08 -1.13 26.31
N GLN A 213 -2.29 -2.00 27.29
CA GLN A 213 -3.02 -1.66 28.52
C GLN A 213 -2.13 -2.07 29.67
N ASP A 214 -1.90 -1.17 30.63
CA ASP A 214 -1.17 -1.53 31.82
C ASP A 214 -1.54 -0.60 33.00
N SER A 215 -0.76 -0.73 34.08
CA SER A 215 -1.02 -0.08 35.36
C SER A 215 0.30 0.24 36.00
N VAL A 216 0.32 1.30 36.79
CA VAL A 216 1.51 1.57 37.59
C VAL A 216 1.10 2.25 38.89
N GLN A 217 1.84 1.92 39.94
CA GLN A 217 1.60 2.47 41.25
C GLN A 217 2.08 3.90 41.30
N VAL A 218 1.21 4.81 41.72
CA VAL A 218 1.56 6.23 41.80
C VAL A 218 2.28 6.53 43.13
N SER A 219 3.53 6.96 43.06
CA SER A 219 4.34 7.27 44.26
C SER A 219 4.79 8.73 44.21
N SER A 220 6.08 9.00 44.03
CA SER A 220 6.52 10.39 43.78
C SER A 220 6.52 10.65 42.28
N ASP A 221 6.63 11.92 41.88
CA ASP A 221 6.75 12.29 40.46
C ASP A 221 7.95 11.65 39.74
N VAL A 222 9.14 11.74 40.33
CA VAL A 222 10.35 11.19 39.73
C VAL A 222 10.30 9.65 39.68
N GLN A 223 9.71 9.00 40.69
CA GLN A 223 9.61 7.53 40.67
C GLN A 223 8.50 7.06 39.74
N THR A 224 7.33 7.69 39.80
CA THR A 224 6.25 7.41 38.86
C THR A 224 6.76 7.57 37.41
N ALA A 225 7.52 8.63 37.13
CA ALA A 225 8.11 8.80 35.79
C ALA A 225 8.99 7.63 35.43
N LYS A 226 9.85 7.18 36.36
CA LYS A 226 10.80 6.07 36.03
C LYS A 226 10.05 4.79 35.72
N GLU A 227 8.97 4.52 36.47
CA GLU A 227 8.10 3.36 36.26
C GLU A 227 7.33 3.44 34.95
N PHE A 228 6.92 4.66 34.62
CA PHE A 228 6.30 4.96 33.32
C PHE A 228 7.24 4.66 32.16
N ILE A 229 8.47 5.13 32.24
CA ILE A 229 9.41 4.90 31.17
C ILE A 229 9.77 3.39 31.03
N LYS A 230 9.79 2.65 32.14
CA LYS A 230 10.14 1.22 32.10
C LYS A 230 9.10 0.45 31.31
N ILE A 231 7.84 0.79 31.57
CA ILE A 231 6.70 0.17 30.90
C ILE A 231 6.77 0.44 29.40
N ILE A 232 7.04 1.69 29.06
CA ILE A 232 7.25 2.11 27.66
C ILE A 232 8.40 1.33 26.98
N GLU A 233 9.56 1.29 27.61
CA GLU A 233 10.69 0.60 27.05
C GLU A 233 10.43 -0.91 26.84
N ASN A 234 9.84 -1.55 27.82
CA ASN A 234 9.57 -3.00 27.73
C ASN A 234 8.61 -3.29 26.56
N ALA A 235 7.55 -2.50 26.49
CA ALA A 235 6.51 -2.69 25.48
C ALA A 235 6.99 -2.33 24.05
N GLU A 236 7.71 -1.21 23.91
CA GLU A 236 8.25 -0.83 22.58
C GLU A 236 9.36 -1.79 22.15
N ASN A 237 10.19 -2.23 23.08
CA ASN A 237 11.12 -3.34 22.78
C ASN A 237 10.45 -4.65 22.30
N GLU A 238 9.41 -5.12 22.97
CA GLU A 238 8.73 -6.41 22.61
CA GLU A 238 8.86 -6.42 22.56
C GLU A 238 8.07 -6.28 21.24
N TYR A 239 7.53 -5.11 20.98
CA TYR A 239 6.83 -4.83 19.75
C TYR A 239 7.79 -4.90 18.57
N GLN A 240 8.90 -4.19 18.66
CA GLN A 240 9.89 -4.23 17.58
C GLN A 240 10.41 -5.67 17.37
N THR A 241 10.73 -6.33 18.49
CA THR A 241 11.23 -7.71 18.45
C THR A 241 10.29 -8.63 17.72
N ALA A 242 9.00 -8.52 18.04
CA ALA A 242 7.96 -9.38 17.51
C ALA A 242 7.69 -9.12 16.01
N ILE A 243 7.74 -7.84 15.61
CA ILE A 243 7.62 -7.48 14.19
C ILE A 243 8.66 -8.23 13.37
N SER A 244 9.92 -8.17 13.79
CA SER A 244 11.00 -8.83 13.09
C SER A 244 10.82 -10.37 13.06
N GLU A 245 10.30 -10.92 14.16
CA GLU A 245 9.98 -12.37 14.23
C GLU A 245 8.88 -12.73 13.23
N ASN A 246 7.92 -11.84 13.11
CA ASN A 246 6.84 -11.99 12.16
C ASN A 246 7.32 -11.93 10.72
N TYR A 247 8.28 -11.06 10.43
CA TYR A 247 8.85 -10.95 9.08
C TYR A 247 9.55 -12.27 8.73
N GLN A 248 10.26 -12.83 9.71
CA GLN A 248 10.99 -14.08 9.47
C GLN A 248 10.03 -15.22 9.15
N THR A 249 8.97 -15.30 9.94
CA THR A 249 7.98 -16.34 9.80
C THR A 249 7.21 -16.21 8.49
N MET A 250 6.89 -14.98 8.11
CA MET A 250 6.24 -14.70 6.84
C MET A 250 7.12 -15.10 5.68
N SER A 251 8.42 -14.79 5.75
CA SER A 251 9.38 -15.14 4.72
C SER A 251 9.59 -16.66 4.63
N ASP A 252 9.66 -17.31 5.80
CA ASP A 252 9.96 -18.75 5.94
C ASP A 252 8.81 -19.67 5.57
N THR A 253 7.58 -19.22 5.80
CA THR A 253 6.39 -20.08 5.72
C THR A 253 5.43 -19.63 4.63
N THR A 254 4.56 -18.69 4.97
CA THR A 254 3.48 -18.22 4.10
C THR A 254 3.92 -17.81 2.67
N PHE A 255 5.02 -17.09 2.57
CA PHE A 255 5.42 -16.57 1.28
C PHE A 255 5.90 -17.78 0.46
N LYS A 256 6.73 -18.62 1.09
CA LYS A 256 7.29 -19.81 0.42
C LYS A 256 6.16 -20.73 -0.07
N ALA A 257 5.03 -20.78 0.64
CA ALA A 257 3.92 -21.65 0.26
C ALA A 257 3.08 -21.11 -0.89
N LEU A 258 3.09 -19.78 -1.11
CA LEU A 258 2.26 -19.21 -2.15
C LEU A 258 2.73 -19.59 -3.55
N ARG A 259 4.03 -19.71 -3.73
CA ARG A 259 4.61 -20.14 -5.01
C ARG A 259 6.02 -20.69 -4.83
N ARG A 260 6.30 -21.79 -5.53
CA ARG A 260 7.64 -22.35 -5.63
C ARG A 260 8.62 -21.41 -6.35
N GLN A 261 9.92 -21.56 -6.08
CA GLN A 261 10.94 -20.83 -6.82
C GLN A 261 11.06 -21.49 -8.21
N LEU A 262 10.91 -22.82 -8.23
CA LEU A 262 10.96 -23.62 -9.47
C LEU A 262 10.08 -24.85 -9.33
N PRO A 263 9.72 -25.47 -10.48
CA PRO A 263 8.96 -26.73 -10.37
C PRO A 263 9.81 -27.78 -9.68
N VAL A 264 9.23 -28.94 -9.36
CA VAL A 264 9.96 -30.05 -8.68
C VAL A 264 11.19 -30.59 -9.41
N THR A 265 11.22 -30.44 -10.73
CA THR A 265 12.37 -30.78 -11.56
C THR A 265 13.63 -29.95 -11.19
N ARG A 266 13.45 -28.80 -10.55
CA ARG A 266 14.58 -27.89 -10.28
C ARG A 266 15.15 -27.32 -11.58
N THR A 267 14.27 -27.13 -12.55
CA THR A 267 14.63 -26.43 -13.75
C THR A 267 13.40 -25.72 -14.27
N LYS A 268 13.61 -24.72 -15.07
CA LYS A 268 12.47 -24.04 -15.65
C LYS A 268 11.68 -24.99 -16.59
N ILE A 269 10.46 -24.60 -16.91
CA ILE A 269 9.52 -25.40 -17.73
C ILE A 269 10.02 -25.65 -19.16
N ASP A 270 9.89 -26.88 -19.64
CA ASP A 270 10.11 -27.17 -21.08
C ASP A 270 8.79 -26.91 -21.78
N TRP A 271 8.68 -25.75 -22.41
CA TRP A 271 7.39 -25.30 -22.95
C TRP A 271 6.88 -26.17 -24.13
N ASN A 272 7.79 -26.89 -24.78
CA ASN A 272 7.41 -27.87 -25.81
C ASN A 272 6.55 -28.98 -25.24
N LYS A 273 7.00 -29.53 -24.11
CA LYS A 273 6.27 -30.59 -23.40
C LYS A 273 4.93 -30.13 -22.80
N ILE A 274 4.87 -28.89 -22.31
CA ILE A 274 3.58 -28.32 -21.87
C ILE A 274 2.57 -28.35 -23.01
N LEU A 275 2.98 -27.81 -24.16
CA LEU A 275 2.08 -27.64 -25.30
C LEU A 275 1.67 -28.95 -25.99
N SER A 276 2.38 -30.04 -25.67
CA SER A 276 2.14 -31.31 -26.35
C SER A 276 1.17 -32.25 -25.61
N TYR A 277 0.78 -31.88 -24.38
CA TYR A 277 -0.26 -32.60 -23.63
C TYR A 277 -0.85 -31.76 -22.51
N SER B 2 2.53 13.90 -18.09
CA SER B 2 3.17 13.70 -16.76
C SER B 2 2.57 14.62 -15.69
N ASP B 3 2.27 15.86 -16.08
CA ASP B 3 1.38 16.76 -15.33
C ASP B 3 -0.06 16.36 -15.63
N GLN B 4 -0.21 15.60 -16.71
CA GLN B 4 -1.50 15.11 -17.16
C GLN B 4 -2.27 14.44 -16.03
N GLN B 5 -3.60 14.56 -16.07
CA GLN B 5 -4.47 13.99 -15.06
C GLN B 5 -4.30 12.49 -14.82
N LEU B 6 -4.13 11.71 -15.90
CA LEU B 6 -3.96 10.26 -15.71
C LEU B 6 -2.64 9.95 -14.95
N ASP B 7 -1.57 10.67 -15.28
CA ASP B 7 -0.29 10.50 -14.57
C ASP B 7 -0.41 10.88 -13.09
N CYS B 8 -1.11 11.99 -12.78
CA CYS B 8 -1.44 12.28 -11.37
C CYS B 8 -2.22 11.16 -10.68
N ALA B 9 -3.16 10.55 -11.40
CA ALA B 9 -4.03 9.57 -10.78
C ALA B 9 -3.24 8.30 -10.47
N LEU B 10 -2.35 7.93 -11.40
CA LEU B 10 -1.50 6.76 -11.26
C LEU B 10 -0.44 6.98 -10.16
N ASP B 11 0.08 8.20 -10.13
CA ASP B 11 0.95 8.61 -9.03
C ASP B 11 0.27 8.43 -7.67
N LEU B 12 -1.00 8.86 -7.52
CA LEU B 12 -1.76 8.66 -6.30
C LEU B 12 -1.86 7.20 -5.93
N MET B 13 -2.18 6.36 -6.92
CA MET B 13 -2.24 4.93 -6.69
C MET B 13 -0.92 4.33 -6.19
N ARG B 14 0.22 4.92 -6.59
CA ARG B 14 1.54 4.49 -6.15
C ARG B 14 1.81 4.93 -4.73
N ARG B 15 1.03 5.86 -4.22
CA ARG B 15 1.27 6.41 -2.86
C ARG B 15 0.24 6.02 -1.81
N LEU B 16 -1.02 6.00 -2.21
CA LEU B 16 -2.07 5.59 -1.30
C LEU B 16 -1.92 4.15 -0.87
N PRO B 17 -2.27 3.85 0.41
CA PRO B 17 -2.09 2.52 1.02
C PRO B 17 -2.72 1.43 0.13
N PRO B 18 -1.92 0.45 -0.29
CA PRO B 18 -2.54 -0.63 -1.08
C PRO B 18 -3.50 -1.52 -0.23
N GLN B 19 -3.41 -1.43 1.09
CA GLN B 19 -4.43 -2.05 1.96
C GLN B 19 -5.84 -1.57 1.65
N GLN B 20 -5.95 -0.42 0.97
CA GLN B 20 -7.25 0.08 0.52
C GLN B 20 -7.39 0.22 -1.01
N ILE B 21 -6.62 -0.60 -1.72
CA ILE B 21 -6.51 -0.56 -3.16
C ILE B 21 -7.85 -0.42 -3.93
N GLU B 22 -8.88 -1.17 -3.51
CA GLU B 22 -10.17 -1.18 -4.23
C GLU B 22 -10.99 0.09 -4.06
N LYS B 23 -11.07 0.57 -2.81
CA LYS B 23 -11.74 1.85 -2.53
C LYS B 23 -10.97 3.03 -3.10
N ASN B 24 -9.64 2.97 -3.07
CA ASN B 24 -8.85 4.01 -3.74
C ASN B 24 -9.28 4.17 -5.22
N LEU B 25 -9.33 3.07 -5.96
CA LEU B 25 -9.72 3.17 -7.36
C LEU B 25 -11.13 3.75 -7.47
N SER B 26 -12.05 3.20 -6.68
CA SER B 26 -13.43 3.65 -6.67
C SER B 26 -13.51 5.15 -6.39
N ASP B 27 -12.84 5.63 -5.34
CA ASP B 27 -12.83 7.08 -5.06
C ASP B 27 -12.24 7.96 -6.18
N LEU B 28 -11.20 7.44 -6.84
CA LEU B 28 -10.53 8.14 -7.91
C LEU B 28 -11.44 8.35 -9.13
N ILE B 29 -12.19 7.31 -9.48
CA ILE B 29 -13.16 7.37 -10.58
C ILE B 29 -14.28 8.35 -10.17
N ASP B 30 -14.72 8.28 -8.91
CA ASP B 30 -15.64 9.31 -8.36
C ASP B 30 -15.12 10.74 -8.52
N LEU B 31 -13.83 10.95 -8.26
CA LEU B 31 -13.24 12.28 -8.41
C LEU B 31 -13.04 12.78 -9.85
N VAL B 32 -12.72 11.85 -10.75
CA VAL B 32 -12.47 12.20 -12.15
CA VAL B 32 -12.46 12.19 -12.15
C VAL B 32 -13.14 11.18 -13.11
N PRO B 33 -14.50 11.23 -13.21
CA PRO B 33 -15.29 10.24 -13.99
C PRO B 33 -14.89 10.17 -15.47
N SER B 34 -14.52 11.32 -16.00
CA SER B 34 -13.89 11.50 -17.29
C SER B 34 -12.83 10.43 -17.63
N LEU B 35 -12.11 9.98 -16.61
CA LEU B 35 -11.03 9.00 -16.78
C LEU B 35 -11.45 7.58 -16.40
N CYS B 36 -12.74 7.36 -16.16
CA CYS B 36 -13.19 6.03 -15.71
C CYS B 36 -12.60 4.87 -16.53
N GLU B 37 -12.76 4.90 -17.85
CA GLU B 37 -12.27 3.82 -18.69
C GLU B 37 -10.74 3.64 -18.59
N ASP B 38 -10.01 4.75 -18.61
CA ASP B 38 -8.55 4.71 -18.59
C ASP B 38 -7.92 4.25 -17.25
N LEU B 39 -8.63 4.48 -16.15
CA LEU B 39 -8.19 4.04 -14.81
C LEU B 39 -8.58 2.57 -14.65
N LEU B 40 -9.80 2.22 -15.07
CA LEU B 40 -10.19 0.82 -15.07
C LEU B 40 -9.15 -0.01 -15.84
N SER B 41 -8.58 0.57 -16.89
CA SER B 41 -7.60 -0.15 -17.69
C SER B 41 -6.17 -0.09 -17.17
N SER B 42 -5.84 1.00 -16.49
CA SER B 42 -4.46 1.24 -16.08
CA SER B 42 -4.47 1.26 -16.08
C SER B 42 -4.20 0.93 -14.60
N VAL B 43 -5.25 0.78 -13.80
CA VAL B 43 -5.03 0.53 -12.35
C VAL B 43 -5.28 -0.92 -11.96
N ASP B 44 -4.22 -1.64 -11.63
CA ASP B 44 -4.42 -3.05 -11.24
C ASP B 44 -5.27 -3.14 -9.97
N GLN B 45 -6.09 -4.19 -9.92
CA GLN B 45 -6.93 -4.48 -8.77
CA GLN B 45 -6.96 -4.49 -8.79
C GLN B 45 -6.74 -5.94 -8.40
N PRO B 46 -6.88 -6.30 -7.10
CA PRO B 46 -6.79 -7.74 -6.79
C PRO B 46 -7.79 -8.57 -7.63
N LEU B 47 -7.38 -9.75 -8.05
CA LEU B 47 -8.26 -10.67 -8.79
C LEU B 47 -9.36 -11.30 -7.91
N LYS B 48 -10.55 -11.45 -8.49
CA LYS B 48 -11.63 -12.12 -7.80
C LYS B 48 -11.94 -13.43 -8.53
N ILE B 49 -12.28 -14.46 -7.74
CA ILE B 49 -12.53 -15.81 -8.25
C ILE B 49 -14.02 -16.04 -8.47
N ALA B 50 -14.37 -16.51 -9.67
CA ALA B 50 -15.76 -16.88 -9.96
C ALA B 50 -15.81 -18.32 -10.40
N ARG B 51 -17.01 -18.88 -10.39
CA ARG B 51 -17.24 -20.26 -10.70
C ARG B 51 -18.00 -20.36 -12.03
N ASP B 52 -17.41 -21.10 -12.97
CA ASP B 52 -18.08 -21.45 -14.22
C ASP B 52 -18.90 -22.71 -13.95
N LYS B 53 -20.21 -22.55 -13.98
CA LYS B 53 -21.18 -23.65 -13.74
C LYS B 53 -21.13 -24.75 -14.80
N VAL B 54 -20.91 -24.35 -16.06
CA VAL B 54 -20.95 -25.31 -17.15
C VAL B 54 -19.83 -26.35 -17.02
N VAL B 55 -18.60 -25.88 -16.85
CA VAL B 55 -17.44 -26.77 -16.84
C VAL B 55 -17.05 -27.23 -15.43
N GLY B 56 -17.65 -26.60 -14.40
CA GLY B 56 -17.20 -26.80 -13.02
C GLY B 56 -15.72 -26.51 -12.82
N LYS B 57 -15.30 -25.33 -13.27
CA LYS B 57 -13.91 -24.86 -13.13
C LYS B 57 -13.97 -23.39 -12.70
N ASP B 58 -13.06 -23.00 -11.80
CA ASP B 58 -12.92 -21.59 -11.39
C ASP B 58 -12.28 -20.73 -12.49
N TYR B 59 -12.67 -19.47 -12.56
CA TYR B 59 -11.97 -18.51 -13.40
C TYR B 59 -11.82 -17.15 -12.70
N LEU B 60 -10.97 -16.30 -13.27
CA LEU B 60 -10.66 -15.04 -12.61
C LEU B 60 -11.23 -13.82 -13.29
N LEU B 61 -11.66 -12.86 -12.45
CA LEU B 61 -12.25 -11.60 -12.91
C LEU B 61 -11.33 -10.37 -12.77
N CYS B 62 -11.21 -9.61 -13.85
CA CYS B 62 -10.53 -8.33 -13.84
C CYS B 62 -11.11 -7.49 -14.94
N ASP B 63 -10.56 -6.29 -15.11
CA ASP B 63 -11.09 -5.44 -16.15
C ASP B 63 -11.05 -6.08 -17.54
N TYR B 64 -10.10 -6.96 -17.78
CA TYR B 64 -9.83 -7.43 -19.14
C TYR B 64 -10.88 -8.38 -19.67
N ASN B 65 -11.56 -9.12 -18.79
CA ASN B 65 -12.64 -9.99 -19.28
C ASN B 65 -14.03 -9.45 -18.94
N ARG B 66 -14.12 -8.12 -18.73
CA ARG B 66 -15.38 -7.44 -18.43
C ARG B 66 -16.09 -6.77 -19.62
N ASP B 67 -17.42 -6.84 -19.61
CA ASP B 67 -18.25 -6.07 -20.55
C ASP B 67 -19.49 -5.60 -19.81
N GLY B 68 -19.62 -4.30 -19.61
CA GLY B 68 -20.65 -3.78 -18.72
C GLY B 68 -20.38 -4.31 -17.35
N ASP B 69 -21.33 -5.06 -16.79
CA ASP B 69 -21.19 -5.65 -15.46
C ASP B 69 -21.05 -7.18 -15.46
N SER B 70 -20.75 -7.74 -16.64
CA SER B 70 -20.52 -9.17 -16.77
C SER B 70 -19.09 -9.50 -17.10
N TYR B 71 -18.70 -10.71 -16.73
CA TYR B 71 -17.39 -11.23 -17.03
C TYR B 71 -17.52 -12.51 -17.84
N ARG B 72 -16.54 -12.68 -18.72
CA ARG B 72 -16.47 -13.85 -19.60
C ARG B 72 -15.62 -14.95 -19.00
N SER B 73 -16.11 -16.19 -19.07
CA SER B 73 -15.29 -17.34 -18.70
C SER B 73 -14.36 -17.77 -19.82
N PRO B 74 -13.12 -18.19 -19.47
CA PRO B 74 -12.21 -18.78 -20.43
C PRO B 74 -12.55 -20.23 -20.77
N TRP B 75 -13.37 -20.89 -19.95
CA TRP B 75 -13.64 -22.32 -20.11
C TRP B 75 -14.83 -22.50 -21.04
N SER B 76 -15.88 -21.72 -20.79
CA SER B 76 -17.14 -21.85 -21.53
C SER B 76 -17.27 -20.81 -22.64
N ASN B 77 -16.49 -19.74 -22.51
CA ASN B 77 -16.57 -18.58 -23.44
C ASN B 77 -17.92 -17.87 -23.39
N LYS B 78 -18.59 -17.91 -22.22
CA LYS B 78 -19.87 -17.17 -22.01
C LYS B 78 -19.77 -16.12 -20.88
N TYR B 79 -20.56 -15.07 -20.97
CA TYR B 79 -20.61 -14.01 -19.96
C TYR B 79 -21.50 -14.38 -18.77
N ASP B 80 -21.14 -13.91 -17.58
CA ASP B 80 -21.97 -14.03 -16.39
C ASP B 80 -22.01 -12.64 -15.68
N PRO B 81 -23.19 -12.03 -15.56
CA PRO B 81 -24.47 -12.58 -16.02
C PRO B 81 -24.53 -12.60 -17.56
N PRO B 82 -25.40 -13.45 -18.13
CA PRO B 82 -25.43 -13.57 -19.58
C PRO B 82 -25.68 -12.21 -20.25
N LEU B 83 -25.06 -11.99 -21.42
CA LEU B 83 -25.25 -10.76 -22.21
C LEU B 83 -25.76 -11.12 -23.59
N GLU B 84 -26.43 -10.16 -24.23
CA GLU B 84 -27.02 -10.36 -25.55
C GLU B 84 -26.05 -10.11 -26.69
N ASP B 85 -25.04 -9.26 -26.48
CA ASP B 85 -23.95 -9.09 -27.45
C ASP B 85 -22.61 -8.71 -26.80
N GLY B 86 -22.23 -9.44 -25.75
CA GLY B 86 -20.91 -9.24 -25.13
C GLY B 86 -19.76 -9.37 -26.12
N ALA B 87 -18.66 -8.64 -25.88
CA ALA B 87 -17.45 -8.71 -26.70
C ALA B 87 -16.73 -10.07 -26.62
N MET B 88 -16.56 -10.65 -27.80
CA MET B 88 -16.11 -12.03 -27.94
C MET B 88 -14.86 -12.03 -28.79
N PRO B 89 -13.86 -12.86 -28.44
CA PRO B 89 -12.73 -12.97 -29.37
C PRO B 89 -13.18 -13.65 -30.68
N SER B 90 -12.45 -13.43 -31.77
CA SER B 90 -12.76 -14.12 -33.03
C SER B 90 -12.74 -15.64 -32.83
N ALA B 91 -13.49 -16.38 -33.65
CA ALA B 91 -13.40 -17.85 -33.58
C ALA B 91 -11.95 -18.30 -33.65
N ARG B 92 -11.13 -17.61 -34.45
CA ARG B 92 -9.71 -17.94 -34.58
C ARG B 92 -8.94 -17.70 -33.27
N LEU B 93 -9.09 -16.51 -32.73
CA LEU B 93 -8.37 -16.11 -31.52
C LEU B 93 -8.85 -16.91 -30.33
N ARG B 94 -10.15 -17.25 -30.29
CA ARG B 94 -10.68 -18.12 -29.24
C ARG B 94 -9.93 -19.46 -29.17
N LYS B 95 -9.65 -20.07 -30.32
CA LYS B 95 -8.91 -21.31 -30.33
C LYS B 95 -7.49 -21.20 -29.66
N LEU B 96 -6.77 -20.11 -29.92
CA LEU B 96 -5.48 -19.88 -29.30
C LEU B 96 -5.67 -19.68 -27.80
N GLU B 97 -6.75 -19.03 -27.42
CA GLU B 97 -7.02 -18.72 -26.03
C GLU B 97 -7.28 -20.01 -25.29
N VAL B 98 -7.85 -20.98 -26.01
CA VAL B 98 -8.07 -22.28 -25.43
C VAL B 98 -6.73 -22.99 -25.21
N GLU B 99 -5.84 -22.94 -26.19
CA GLU B 99 -4.51 -23.55 -26.08
C GLU B 99 -3.73 -22.88 -24.94
N ALA B 100 -3.84 -21.55 -24.89
CA ALA B 100 -3.14 -20.79 -23.87
C ALA B 100 -3.67 -21.07 -22.47
N ASN B 101 -5.00 -21.17 -22.29
CA ASN B 101 -5.54 -21.48 -20.97
C ASN B 101 -5.08 -22.84 -20.46
N ASN B 102 -4.99 -23.79 -21.37
CA ASN B 102 -4.53 -25.12 -21.02
C ASN B 102 -3.05 -25.10 -20.61
N ALA B 103 -2.28 -24.35 -21.37
CA ALA B 103 -0.87 -24.26 -21.16
C ALA B 103 -0.65 -23.57 -19.80
N PHE B 104 -1.42 -22.54 -19.53
CA PHE B 104 -1.17 -21.79 -18.30
C PHE B 104 -1.81 -22.45 -17.06
N ASP B 105 -2.81 -23.29 -17.26
CA ASP B 105 -3.27 -24.15 -16.19
C ASP B 105 -2.15 -25.12 -15.74
N GLN B 106 -1.39 -25.70 -16.67
CA GLN B 106 -0.20 -26.50 -16.33
C GLN B 106 0.94 -25.70 -15.65
N TYR B 107 1.24 -24.52 -16.18
CA TYR B 107 2.20 -23.63 -15.55
C TYR B 107 1.81 -23.33 -14.08
N ARG B 108 0.55 -23.03 -13.86
CA ARG B 108 0.03 -22.78 -12.52
C ARG B 108 0.23 -23.99 -11.56
N ASP B 109 -0.13 -25.17 -12.03
CA ASP B 109 0.08 -26.38 -11.26
C ASP B 109 1.54 -26.58 -10.90
N LEU B 110 2.45 -26.30 -11.83
CA LEU B 110 3.85 -26.59 -11.62
C LEU B 110 4.53 -25.59 -10.69
N TYR B 111 4.12 -24.34 -10.76
CA TYR B 111 4.66 -23.29 -9.85
C TYR B 111 3.89 -23.03 -8.58
N PHE B 112 2.57 -23.13 -8.66
CA PHE B 112 1.69 -22.73 -7.57
C PHE B 112 1.07 -23.88 -6.78
N GLU B 113 0.99 -25.05 -7.41
CA GLU B 113 0.48 -26.28 -6.79
C GLU B 113 -0.89 -26.07 -6.21
N GLY B 114 -1.70 -25.35 -6.96
CA GLY B 114 -2.99 -24.93 -6.52
C GLY B 114 -3.35 -23.59 -7.12
N GLY B 115 -4.24 -22.89 -6.44
CA GLY B 115 -4.78 -21.64 -6.91
C GLY B 115 -5.57 -21.82 -8.20
N VAL B 116 -5.73 -20.70 -8.93
CA VAL B 116 -6.59 -20.61 -10.09
C VAL B 116 -5.90 -19.79 -11.17
N SER B 117 -6.05 -20.22 -12.44
CA SER B 117 -5.54 -19.41 -13.56
C SER B 117 -6.64 -19.03 -14.56
N SER B 118 -6.42 -17.96 -15.34
CA SER B 118 -7.26 -17.64 -16.50
C SER B 118 -6.42 -16.89 -17.54
N VAL B 119 -6.68 -17.12 -18.83
CA VAL B 119 -6.05 -16.33 -19.88
C VAL B 119 -7.15 -15.77 -20.77
N TYR B 120 -7.05 -14.48 -21.12
CA TYR B 120 -8.04 -13.79 -21.97
C TYR B 120 -7.31 -13.07 -23.08
N LEU B 121 -7.68 -13.40 -24.32
CA LEU B 121 -7.09 -12.77 -25.49
C LEU B 121 -8.05 -11.80 -26.21
N TRP B 122 -7.47 -10.83 -26.88
CA TRP B 122 -8.26 -9.88 -27.67
C TRP B 122 -7.52 -9.48 -28.92
N ASP B 123 -8.26 -9.24 -30.02
CA ASP B 123 -7.63 -8.97 -31.31
C ASP B 123 -7.05 -7.57 -31.33
N LEU B 124 -5.94 -7.41 -32.03
CA LEU B 124 -5.43 -6.09 -32.33
C LEU B 124 -5.25 -5.98 -33.84
N ASP B 125 -5.05 -4.76 -34.32
CA ASP B 125 -4.89 -4.47 -35.75
C ASP B 125 -3.84 -5.35 -36.43
N HIS B 126 -2.61 -5.39 -35.91
CA HIS B 126 -1.58 -6.23 -36.52
C HIS B 126 -0.91 -7.22 -35.57
N GLY B 127 -1.79 -7.87 -34.80
CA GLY B 127 -1.44 -8.95 -33.88
C GLY B 127 -2.56 -9.18 -32.89
N PHE B 128 -2.19 -9.40 -31.63
CA PHE B 128 -3.15 -9.67 -30.59
C PHE B 128 -2.53 -9.34 -29.24
N ALA B 129 -3.36 -9.37 -28.22
CA ALA B 129 -2.87 -9.14 -26.84
C ALA B 129 -3.62 -10.08 -25.91
N GLY B 130 -3.19 -10.14 -24.66
CA GLY B 130 -3.84 -11.04 -23.74
C GLY B 130 -3.36 -10.72 -22.35
N VAL B 131 -4.11 -11.22 -21.38
CA VAL B 131 -3.64 -11.18 -20.00
C VAL B 131 -3.61 -12.63 -19.49
N ILE B 132 -2.57 -12.95 -18.71
CA ILE B 132 -2.44 -14.24 -18.05
C ILE B 132 -2.57 -13.91 -16.58
N LEU B 133 -3.56 -14.49 -15.92
CA LEU B 133 -3.83 -14.23 -14.50
C LEU B 133 -3.69 -15.45 -13.65
N ILE B 134 -3.12 -15.29 -12.43
CA ILE B 134 -2.98 -16.41 -11.50
C ILE B 134 -3.35 -15.85 -10.13
N LYS B 135 -4.22 -16.58 -9.40
CA LYS B 135 -4.60 -16.19 -8.03
C LYS B 135 -4.33 -17.39 -7.13
N LYS B 136 -3.62 -17.15 -6.02
CA LYS B 136 -3.39 -18.17 -5.03
C LYS B 136 -3.54 -17.56 -3.61
N ALA B 137 -4.55 -17.99 -2.87
CA ALA B 137 -4.82 -17.45 -1.56
C ALA B 137 -4.72 -18.55 -0.53
N GLY B 138 -4.86 -18.17 0.73
CA GLY B 138 -5.31 -19.08 1.79
C GLY B 138 -6.81 -18.85 1.95
N ASP B 139 -7.45 -19.60 2.84
CA ASP B 139 -8.89 -19.40 3.11
C ASP B 139 -9.16 -18.46 4.29
N GLY B 140 -8.10 -18.03 4.97
CA GLY B 140 -8.23 -17.06 6.06
C GLY B 140 -8.21 -17.69 7.44
N SER B 141 -7.92 -18.99 7.50
CA SER B 141 -7.96 -19.70 8.77
C SER B 141 -6.58 -19.85 9.47
N LYS B 142 -5.49 -19.52 8.77
CA LYS B 142 -4.12 -19.67 9.32
C LYS B 142 -3.71 -18.39 10.07
N LYS B 143 -2.70 -18.49 10.95
CA LYS B 143 -2.17 -17.31 11.65
C LYS B 143 -1.71 -16.16 10.75
N ILE B 144 -0.97 -16.49 9.69
CA ILE B 144 -0.52 -15.47 8.73
C ILE B 144 -1.33 -15.69 7.44
N LYS B 145 -2.18 -14.73 7.12
CA LYS B 145 -3.02 -14.79 5.92
C LYS B 145 -2.14 -14.37 4.70
N GLY B 146 -2.33 -15.03 3.54
CA GLY B 146 -1.45 -14.83 2.36
C GLY B 146 -2.22 -14.91 1.04
N CYS B 147 -1.98 -13.95 0.13
CA CYS B 147 -2.61 -13.98 -1.18
CA CYS B 147 -2.58 -14.00 -1.21
C CYS B 147 -1.60 -13.48 -2.22
N TRP B 148 -1.59 -14.13 -3.38
CA TRP B 148 -0.71 -13.76 -4.49
C TRP B 148 -1.60 -13.51 -5.71
N ASP B 149 -1.45 -12.34 -6.35
CA ASP B 149 -2.11 -12.06 -7.65
C ASP B 149 -1.04 -11.88 -8.71
N SER B 150 -1.10 -12.62 -9.82
CA SER B 150 -0.24 -12.39 -10.99
C SER B 150 -1.09 -11.83 -12.12
N ILE B 151 -0.64 -10.73 -12.73
CA ILE B 151 -1.36 -10.08 -13.85
C ILE B 151 -0.32 -9.81 -14.92
N HIS B 152 -0.36 -10.59 -15.99
CA HIS B 152 0.69 -10.50 -17.02
C HIS B 152 0.02 -10.07 -18.33
N VAL B 153 0.39 -8.90 -18.84
CA VAL B 153 -0.32 -8.37 -19.99
C VAL B 153 0.66 -8.38 -21.13
N VAL B 154 0.36 -9.20 -22.16
CA VAL B 154 1.26 -9.33 -23.31
C VAL B 154 0.63 -8.75 -24.60
N GLU B 155 1.47 -8.09 -25.40
CA GLU B 155 1.12 -7.52 -26.68
C GLU B 155 2.01 -8.18 -27.73
N VAL B 156 1.40 -8.76 -28.78
CA VAL B 156 2.14 -9.49 -29.79
C VAL B 156 1.92 -8.82 -31.14
N GLN B 157 2.97 -8.29 -31.72
CA GLN B 157 2.84 -7.70 -33.06
C GLN B 157 3.61 -8.57 -34.02
N GLU B 158 2.87 -9.24 -34.89
CA GLU B 158 3.43 -10.19 -35.88
C GLU B 158 3.98 -9.44 -37.09
N LYS B 159 5.04 -9.97 -37.67
CA LYS B 159 5.59 -9.43 -38.93
C LYS B 159 4.94 -10.00 -40.20
N SER B 160 5.40 -9.50 -41.36
CA SER B 160 4.91 -9.92 -42.68
C SER B 160 5.38 -11.33 -43.08
N SER B 161 4.93 -12.36 -42.34
CA SER B 161 5.25 -13.76 -42.68
C SER B 161 4.22 -14.77 -42.09
N GLY B 162 4.12 -14.88 -40.76
CA GLY B 162 5.00 -14.23 -39.78
C GLY B 162 5.89 -15.28 -39.14
N ARG B 163 7.20 -15.11 -39.33
CA ARG B 163 8.19 -16.03 -38.77
C ARG B 163 9.03 -15.34 -37.68
N THR B 164 8.52 -14.21 -37.20
CA THR B 164 9.14 -13.41 -36.15
C THR B 164 7.99 -12.56 -35.58
N ALA B 165 8.02 -12.28 -34.27
CA ALA B 165 7.01 -11.39 -33.69
C ALA B 165 7.62 -10.51 -32.62
N HIS B 166 6.95 -9.41 -32.29
CA HIS B 166 7.44 -8.55 -31.23
C HIS B 166 6.50 -8.73 -30.06
N TYR B 167 7.09 -8.98 -28.89
CA TYR B 167 6.35 -9.23 -27.67
C TYR B 167 6.71 -8.17 -26.66
N LYS B 168 5.68 -7.58 -26.08
CA LYS B 168 5.86 -6.61 -24.99
C LYS B 168 5.10 -7.19 -23.81
N LEU B 169 5.79 -7.39 -22.71
CA LEU B 169 5.16 -7.98 -21.54
C LEU B 169 5.25 -6.95 -20.39
N THR B 170 4.14 -6.71 -19.72
CA THR B 170 4.06 -5.84 -18.53
C THR B 170 3.44 -6.70 -17.44
N SER B 171 4.21 -6.94 -16.40
CA SER B 171 3.81 -7.88 -15.36
C SER B 171 3.69 -7.21 -14.02
N THR B 172 2.58 -7.50 -13.34
CA THR B 172 2.33 -7.01 -11.99
C THR B 172 2.12 -8.20 -11.09
N VAL B 173 2.80 -8.22 -9.94
CA VAL B 173 2.45 -9.22 -8.95
C VAL B 173 2.01 -8.44 -7.74
N MET B 174 0.85 -8.80 -7.20
CA MET B 174 0.41 -8.26 -5.92
C MET B 174 0.58 -9.32 -4.83
N LEU B 175 1.18 -8.92 -3.70
CA LEU B 175 1.41 -9.85 -2.58
C LEU B 175 0.89 -9.25 -1.30
N TRP B 176 0.06 -10.02 -0.57
CA TRP B 176 -0.71 -9.55 0.57
C TRP B 176 -0.45 -10.51 1.74
N LEU B 177 0.08 -9.97 2.84
CA LEU B 177 0.35 -10.75 4.04
C LEU B 177 -0.17 -9.99 5.27
N GLN B 178 -0.78 -10.72 6.21
CA GLN B 178 -1.54 -10.09 7.30
CA GLN B 178 -1.45 -10.07 7.33
C GLN B 178 -1.53 -11.05 8.48
N THR B 179 -1.29 -10.54 9.67
CA THR B 179 -1.31 -11.37 10.84
C THR B 179 -1.63 -10.50 12.05
N ASN B 180 -2.17 -11.15 13.08
CA ASN B 180 -2.59 -10.49 14.30
C ASN B 180 -2.05 -11.36 15.41
N LYS B 181 -0.89 -11.01 15.93
CA LYS B 181 -0.23 -11.78 16.97
C LYS B 181 -0.04 -10.93 18.24
N THR B 182 -0.08 -11.56 19.39
CA THR B 182 -0.12 -10.81 20.64
C THR B 182 1.17 -9.98 20.76
N GLY B 183 2.30 -10.58 20.42
CA GLY B 183 3.59 -9.86 20.37
C GLY B 183 3.62 -8.63 19.46
N SER B 184 3.06 -8.74 18.27
CA SER B 184 3.27 -7.67 17.29
C SER B 184 2.05 -6.80 17.01
N GLY B 185 0.91 -7.14 17.58
CA GLY B 185 -0.33 -6.45 17.22
C GLY B 185 -0.66 -6.77 15.77
N THR B 186 -1.43 -5.90 15.11
CA THR B 186 -1.79 -6.18 13.72
C THR B 186 -0.66 -5.76 12.78
N MET B 187 -0.35 -6.61 11.78
CA MET B 187 0.74 -6.32 10.84
C MET B 187 0.21 -6.66 9.42
N ASN B 188 0.20 -5.67 8.55
CA ASN B 188 -0.32 -5.87 7.21
C ASN B 188 0.75 -5.38 6.25
N LEU B 189 1.32 -6.33 5.50
CA LEU B 189 2.36 -6.03 4.56
C LEU B 189 1.83 -6.41 3.20
N GLY B 190 1.50 -5.40 2.40
CA GLY B 190 0.84 -5.62 1.12
C GLY B 190 1.17 -4.65 0.02
N GLY B 191 0.77 -4.97 -1.20
CA GLY B 191 1.08 -4.07 -2.29
C GLY B 191 1.45 -4.87 -3.53
N SER B 192 2.17 -4.22 -4.43
CA SER B 192 2.45 -4.78 -5.76
C SER B 192 3.72 -4.20 -6.35
N LEU B 193 4.30 -4.95 -7.27
CA LEU B 193 5.42 -4.47 -8.09
C LEU B 193 5.09 -4.76 -9.56
N THR B 194 5.51 -3.86 -10.47
CA THR B 194 5.20 -4.02 -11.91
C THR B 194 6.49 -3.87 -12.73
N ARG B 195 6.79 -4.78 -13.66
CA ARG B 195 7.98 -4.63 -14.51
C ARG B 195 7.53 -4.86 -15.96
N GLN B 196 8.35 -4.37 -16.89
CA GLN B 196 8.01 -4.37 -18.34
C GLN B 196 9.26 -4.77 -19.09
N MET B 197 9.07 -5.54 -20.17
CA MET B 197 10.15 -5.89 -21.05
C MET B 197 9.58 -6.15 -22.42
N GLU B 198 10.43 -6.09 -23.43
CA GLU B 198 10.00 -6.50 -24.78
C GLU B 198 11.09 -7.27 -25.51
N LYS B 199 10.68 -8.18 -26.40
CA LYS B 199 11.63 -9.08 -27.04
C LYS B 199 11.12 -9.40 -28.43
N ASP B 200 12.05 -9.54 -29.38
CA ASP B 200 11.76 -10.08 -30.70
C ASP B 200 12.06 -11.56 -30.63
N GLU B 201 11.11 -12.38 -31.08
CA GLU B 201 11.31 -13.81 -31.07
C GLU B 201 10.99 -14.46 -32.39
N THR B 202 11.62 -15.61 -32.64
CA THR B 202 11.24 -16.44 -33.78
C THR B 202 9.91 -17.10 -33.49
N VAL B 203 8.99 -17.02 -34.45
CA VAL B 203 7.78 -17.81 -34.39
C VAL B 203 7.96 -18.93 -35.42
N SER B 204 7.93 -20.17 -34.93
CA SER B 204 8.01 -21.36 -35.77
C SER B 204 7.22 -22.47 -35.10
N ASP B 205 7.03 -23.59 -35.82
CA ASP B 205 6.30 -24.72 -35.26
CA ASP B 205 6.32 -24.74 -35.28
C ASP B 205 7.01 -25.31 -34.05
N SER B 206 8.33 -25.15 -33.99
CA SER B 206 9.08 -25.63 -32.82
C SER B 206 9.18 -24.56 -31.72
N SER B 207 8.67 -23.35 -32.01
CA SER B 207 8.60 -22.27 -31.04
C SER B 207 7.37 -21.37 -31.34
N PRO B 208 6.17 -21.87 -30.99
CA PRO B 208 4.95 -21.13 -31.28
C PRO B 208 4.73 -19.96 -30.30
N HIS B 209 3.76 -19.09 -30.63
CA HIS B 209 3.40 -17.98 -29.76
C HIS B 209 3.27 -18.38 -28.29
N ILE B 210 2.58 -19.48 -27.99
CA ILE B 210 2.32 -19.81 -26.56
C ILE B 210 3.62 -20.17 -25.81
N ALA B 211 4.50 -20.93 -26.47
CA ALA B 211 5.87 -21.15 -25.98
C ALA B 211 6.67 -19.87 -25.70
N ASN B 212 6.64 -18.93 -26.61
CA ASN B 212 7.43 -17.71 -26.47
C ASN B 212 6.92 -16.84 -25.31
N ILE B 213 5.60 -16.78 -25.21
CA ILE B 213 4.94 -15.99 -24.19
C ILE B 213 5.20 -16.65 -22.82
N GLY B 214 5.10 -17.98 -22.79
CA GLY B 214 5.29 -18.71 -21.56
C GLY B 214 6.67 -18.49 -21.01
N ARG B 215 7.66 -18.51 -21.89
CA ARG B 215 9.02 -18.30 -21.47
C ARG B 215 9.20 -16.89 -20.92
N LEU B 216 8.58 -15.92 -21.57
CA LEU B 216 8.69 -14.54 -21.10
C LEU B 216 7.97 -14.39 -19.75
N VAL B 217 6.76 -14.91 -19.64
CA VAL B 217 6.01 -14.83 -18.39
C VAL B 217 6.78 -15.53 -17.24
N GLU B 218 7.22 -16.76 -17.49
CA GLU B 218 7.99 -17.51 -16.48
C GLU B 218 9.28 -16.77 -16.04
N ASP B 219 10.03 -16.23 -17.02
CA ASP B 219 11.27 -15.51 -16.68
C ASP B 219 10.92 -14.31 -15.81
N MET B 220 9.91 -13.55 -16.23
CA MET B 220 9.55 -12.32 -15.52
C MET B 220 8.95 -12.61 -14.14
N GLU B 221 8.08 -13.61 -14.06
CA GLU B 221 7.53 -13.97 -12.77
C GLU B 221 8.62 -14.47 -11.81
N ASN B 222 9.57 -15.30 -12.28
CA ASN B 222 10.68 -15.77 -11.40
C ASN B 222 11.49 -14.56 -10.84
N LYS B 223 11.73 -13.59 -11.70
CA LYS B 223 12.48 -12.41 -11.29
C LYS B 223 11.68 -11.58 -10.26
N ILE B 224 10.40 -11.37 -10.52
CA ILE B 224 9.56 -10.57 -9.62
C ILE B 224 9.42 -11.30 -8.26
N ARG B 225 9.27 -12.62 -8.28
CA ARG B 225 9.26 -13.35 -7.00
C ARG B 225 10.47 -12.99 -6.13
N SER B 226 11.67 -13.03 -6.73
CA SER B 226 12.90 -12.73 -5.98
CA SER B 226 12.90 -12.73 -6.01
C SER B 226 12.92 -11.28 -5.51
N THR B 227 12.46 -10.37 -6.36
CA THR B 227 12.40 -8.96 -5.96
C THR B 227 11.40 -8.75 -4.79
N LEU B 228 10.24 -9.39 -4.87
CA LEU B 228 9.28 -9.36 -3.77
C LEU B 228 9.90 -9.83 -2.46
N ASN B 229 10.68 -10.90 -2.53
CA ASN B 229 11.35 -11.45 -1.34
C ASN B 229 12.34 -10.39 -0.75
N GLU B 230 13.12 -9.77 -1.61
CA GLU B 230 14.06 -8.72 -1.20
C GLU B 230 13.31 -7.50 -0.60
N ILE B 231 12.30 -7.01 -1.31
CA ILE B 231 11.58 -5.80 -0.84
C ILE B 231 10.77 -6.05 0.42
N TYR B 232 10.00 -7.14 0.43
CA TYR B 232 9.06 -7.36 1.51
C TYR B 232 9.83 -7.71 2.77
N PHE B 233 10.72 -8.70 2.70
CA PHE B 233 11.31 -9.29 3.91
C PHE B 233 12.72 -8.82 4.21
N GLY B 234 13.29 -8.03 3.30
CA GLY B 234 14.63 -7.48 3.45
C GLY B 234 14.50 -6.00 3.62
N LYS B 235 14.16 -5.29 2.54
CA LYS B 235 14.08 -3.83 2.57
CA LYS B 235 14.10 -3.82 2.58
C LYS B 235 13.09 -3.21 3.59
N THR B 236 11.82 -3.59 3.57
CA THR B 236 10.89 -2.97 4.52
C THR B 236 11.23 -3.30 5.98
N LYS B 237 11.69 -4.52 6.25
CA LYS B 237 12.10 -4.86 7.63
C LYS B 237 13.27 -3.96 8.07
N ASP B 238 14.26 -3.78 7.20
CA ASP B 238 15.42 -2.92 7.50
C ASP B 238 15.03 -1.47 7.74
N ILE B 239 14.02 -1.00 6.98
CA ILE B 239 13.49 0.35 7.22
C ILE B 239 12.89 0.38 8.65
N VAL B 240 12.06 -0.61 9.00
CA VAL B 240 11.48 -0.66 10.34
C VAL B 240 12.56 -0.53 11.42
N ASN B 241 13.58 -1.34 11.28
CA ASN B 241 14.65 -1.36 12.27
C ASN B 241 15.50 -0.09 12.30
N GLY B 242 15.52 0.61 11.18
CA GLY B 242 16.17 1.93 11.09
C GLY B 242 15.40 3.04 11.76
N LEU B 243 14.09 2.83 12.02
CA LEU B 243 13.27 3.81 12.74
C LEU B 243 13.47 3.83 14.26
N ARG B 244 13.93 2.70 14.80
CA ARG B 244 14.15 2.58 16.24
C ARG B 244 15.42 1.76 16.45
N TYR C 2 6.89 12.14 -11.36
CA TYR C 2 8.35 11.76 -11.46
C TYR C 2 8.52 10.23 -11.64
N LEU C 3 7.51 9.46 -11.26
CA LEU C 3 7.55 7.99 -11.31
C LEU C 3 7.13 7.54 -12.69
N ALA C 4 7.61 6.37 -13.12
CA ALA C 4 7.21 5.80 -14.41
C ALA C 4 5.90 5.06 -14.24
N HIS C 5 5.01 5.14 -15.23
CA HIS C 5 3.72 4.44 -15.16
C HIS C 5 3.55 3.43 -16.29
N PRO C 6 4.28 2.31 -16.21
CA PRO C 6 4.20 1.35 -17.33
C PRO C 6 2.79 0.80 -17.61
N THR C 7 1.90 0.79 -16.61
CA THR C 7 0.55 0.22 -16.83
C THR C 7 -0.35 1.06 -17.77
N ARG C 8 0.07 2.30 -18.05
CA ARG C 8 -0.59 3.19 -19.03
C ARG C 8 -0.29 2.79 -20.46
N ASP C 9 0.84 2.12 -20.63
CA ASP C 9 1.29 1.85 -22.01
CA ASP C 9 1.40 1.86 -21.95
C ASP C 9 1.32 0.37 -22.28
N ARG C 10 0.68 -0.42 -21.42
CA ARG C 10 0.56 -1.82 -21.73
C ARG C 10 -0.65 -1.97 -22.64
N ALA C 11 -0.70 -3.06 -23.38
CA ALA C 11 -1.79 -3.26 -24.32
C ALA C 11 -3.14 -2.84 -23.70
N LYS C 12 -3.97 -2.17 -24.48
CA LYS C 12 -5.36 -1.87 -24.09
C LYS C 12 -6.39 -2.60 -24.98
N ILE C 13 -7.57 -2.83 -24.42
CA ILE C 13 -8.73 -3.32 -25.15
C ILE C 13 -9.04 -2.33 -26.29
N GLN C 14 -9.27 -2.86 -27.50
CA GLN C 14 -9.22 -2.06 -28.74
C GLN C 14 -10.53 -2.06 -29.55
N HIS C 15 -11.52 -2.80 -29.06
CA HIS C 15 -12.90 -2.48 -29.32
C HIS C 15 -13.25 -1.53 -28.18
N SER C 16 -14.39 -0.83 -28.30
CA SER C 16 -14.80 0.09 -27.27
C SER C 16 -15.50 -0.68 -26.14
N ARG C 17 -14.81 -0.73 -25.01
CA ARG C 17 -15.22 -1.46 -23.79
C ARG C 17 -16.72 -1.70 -23.58
N ARG C 18 -17.35 -0.72 -22.91
CA ARG C 18 -18.73 -0.74 -22.36
C ARG C 18 -18.66 -0.72 -20.83
N PRO C 19 -18.80 0.48 -20.25
CA PRO C 19 -18.61 0.78 -18.82
C PRO C 19 -19.48 -0.04 -17.87
N PRO C 20 -18.98 -0.24 -16.63
CA PRO C 20 -19.73 -0.89 -15.56
C PRO C 20 -20.68 0.10 -14.88
N THR C 21 -21.60 -0.41 -14.07
CA THR C 21 -22.56 0.44 -13.37
C THR C 21 -22.17 0.58 -11.88
N ARG C 22 -21.83 1.77 -11.41
CA ARG C 22 -21.92 3.05 -12.13
C ARG C 22 -20.63 3.31 -12.94
O1 MES D . 13.98 -0.29 -13.99
C2 MES D . 14.64 0.25 -12.83
C3 MES D . 13.68 0.99 -11.88
N4 MES D . 12.75 1.85 -12.62
C5 MES D . 12.22 1.42 -13.93
C6 MES D . 13.34 0.75 -14.74
C7 MES D . 12.36 3.15 -12.01
C8 MES D . 10.84 3.41 -12.17
S MES D . 10.01 4.23 -10.95
O1S MES D . 10.19 3.55 -9.63
O2S MES D . 10.35 5.66 -10.83
O3S MES D . 8.59 4.14 -11.35
O1 MES E . -2.98 30.96 20.95
O1 MES E . -3.36 33.09 20.65
C2 MES E . -1.59 30.82 20.82
C2 MES E . -2.15 32.31 20.79
C3 MES E . -0.95 32.18 21.09
C3 MES E . -0.96 33.25 20.61
N4 MES E . -1.61 33.20 20.31
N4 MES E . -1.59 34.48 20.18
C5 MES E . -2.90 33.04 19.61
C5 MES E . -2.40 34.52 18.99
C6 MES E . -3.55 31.65 19.84
C6 MES E . -3.53 33.55 19.31
C7 MES E . -0.93 34.50 20.27
C7 MES E . -1.45 35.68 20.97
C8 MES E . 0.11 34.45 21.41
C8 MES E . -1.28 36.75 19.92
S MES E . -0.31 35.41 22.71
S MES E . -0.79 38.08 20.74
O1S MES E . 0.40 35.01 23.94
O1S MES E . -0.73 39.32 19.90
O2S MES E . 0.01 36.81 22.44
O2S MES E . -1.74 38.25 21.87
O3S MES E . -1.78 35.22 22.93
O3S MES E . 0.58 37.86 21.23
#